data_8H1J
#
_entry.id   8H1J
#
_cell.length_a   1.00
_cell.length_b   1.00
_cell.length_c   1.00
_cell.angle_alpha   90.00
_cell.angle_beta   90.00
_cell.angle_gamma   90.00
#
_symmetry.space_group_name_H-M   'P 1'
#
loop_
_entity.id
_entity.type
_entity.pdbx_description
1 polymer 'RNA-guided DNA endonuclease TnpB'
2 polymer 'Target strand'
3 polymer 'omegaRNA (130-MER)'
4 polymer 'Non-target strand'
5 non-polymer 'ZINC ION'
#
loop_
_entity_poly.entity_id
_entity_poly.type
_entity_poly.pdbx_seq_one_letter_code
_entity_poly.pdbx_strand_id
1 'polypeptide(L)'
;GSMIRNKAFVVRLYPNAAQTELINRTLGSARFVYNHFLARRIAAYKESGKGLTYGQTSSELTLLKQAEETSWLSEVDKFA
LQNSLKNLETAYKNFFRTVKQSGKKVGFPRFRKKRTGESYRTQFTNNNIQIGEGRLKLPKLGWVKTKGQQDIQGKILNVT
VRRIHEGHYEASVLCEVEIPYLPAAPKFAAGVDVGIKDFAIVTDGVRFKHEQNPKYYRSTLKRLRKAQQTLSRRKKGSAR
YGKAKTKLARIHKRIVNKRQDFLHKLTTSLVREYEIIGTEHLKPDNMRKNRRLALSISDAGWGEFIRQLEYKAAWYGRLV
SKVSPYFPSSQLCHDCGFKNPEVKNLAVRTWTCPNCGETHDRDENAALNIRREALVAAGISDTLNAHGGYVRPASAGNGL
RSENHATLVV
;
A
2 'polydeoxyribonucleotide'
;(DA)(DT)(DT)(DT)(DG)(DA)(DA)(DT)(DG)(DG)(DG)(DC)(DG)(DC)(DC)(DA)(DA)(DG)(DG)(DG)
(DA)(DC)(DT)(DC)(DA)(DT)(DC)(DA)(DA)(DT)(DA)(DG)(DA)(DA)(DA)
;
C
3 'polyribonucleotide'
;GAUUCAAGAAUCCCGAAGUGAAGAAUCUUGCCGUCCGUACAUGGACUUGCCCGAACUGUGGGGAAACCCAUGACCGAGAC
GAGAACGCUGCGCUGAACAUUCGGCGUGAAGCGUUGGUGGCUGCGGGAAUCUCAGACACCUUAAACGCUCAUGGAGGCUA
UGUCAGACCUGCUUCGGCGGGCAAUGGUCUGCGAAGUGAGAAUCACGCGACUUUAGUCGUGUGAGGUUCAAGAGUCCCUU
GGCGCCC
;
B
4 'polydeoxyribonucleotide'
;(DT)(DT)(DT)(DC)(DT)(DA)(DT)(DT)(DG)(DA)(DT)(DG)(DA)(DG)(DT)(DC)(DC)(DC)(DT)(DT)
(DG)(DG)(DC)(DG)(DC)(DC)(DC)(DA)(DT)(DT)(DC)(DA)(DA)(DA)(DT)
;
D
#
# COMPACT_ATOMS: atom_id res chain seq x y z
N MET A 3 -9.28 20.45 1.72
CA MET A 3 -10.31 19.63 1.07
C MET A 3 -9.77 19.02 -0.21
N ILE A 4 -8.71 19.60 -0.75
CA ILE A 4 -8.07 19.06 -1.95
C ILE A 4 -6.97 18.10 -1.52
N ARG A 5 -6.98 16.89 -2.09
CA ARG A 5 -6.09 15.84 -1.66
C ARG A 5 -5.42 15.21 -2.88
N ASN A 6 -4.18 14.76 -2.69
CA ASN A 6 -3.54 13.91 -3.68
C ASN A 6 -4.15 12.52 -3.61
N LYS A 7 -4.73 12.07 -4.72
CA LYS A 7 -5.44 10.81 -4.76
C LYS A 7 -5.05 10.07 -6.02
N ALA A 8 -4.91 8.76 -5.90
CA ALA A 8 -4.46 7.92 -7.00
C ALA A 8 -5.57 6.99 -7.45
N PHE A 9 -5.77 6.89 -8.75
CA PHE A 9 -6.76 6.01 -9.33
C PHE A 9 -6.04 4.93 -10.13
N VAL A 10 -6.03 3.71 -9.61
CA VAL A 10 -5.38 2.59 -10.27
C VAL A 10 -6.35 1.98 -11.26
N VAL A 11 -5.97 1.92 -12.52
CA VAL A 11 -6.76 1.30 -13.57
C VAL A 11 -5.88 0.28 -14.28
N ARG A 12 -6.47 -0.85 -14.64
CA ARG A 12 -5.74 -1.84 -15.41
C ARG A 12 -5.63 -1.40 -16.87
N LEU A 13 -4.44 -1.55 -17.42
CA LEU A 13 -4.15 -1.18 -18.79
C LEU A 13 -4.25 -2.39 -19.69
N TYR A 14 -4.72 -2.19 -20.92
CA TYR A 14 -4.78 -3.25 -21.92
C TYR A 14 -4.13 -2.75 -23.21
N PRO A 15 -2.82 -2.55 -23.21
CA PRO A 15 -2.16 -2.03 -24.40
C PRO A 15 -1.99 -3.12 -25.45
N ASN A 16 -2.00 -2.70 -26.72
CA ASN A 16 -1.72 -3.63 -27.80
C ASN A 16 -0.22 -3.87 -27.91
N ALA A 17 0.19 -4.50 -29.02
CA ALA A 17 1.58 -4.92 -29.14
C ALA A 17 2.54 -3.73 -29.17
N ALA A 18 2.25 -2.71 -29.98
CA ALA A 18 3.16 -1.59 -30.11
C ALA A 18 3.30 -0.83 -28.80
N GLN A 19 2.19 -0.61 -28.10
CA GLN A 19 2.25 0.10 -26.83
C GLN A 19 3.01 -0.69 -25.78
N THR A 20 2.86 -2.02 -25.78
CA THR A 20 3.65 -2.85 -24.87
C THR A 20 5.13 -2.77 -25.19
N GLU A 21 5.48 -2.78 -26.48
CA GLU A 21 6.88 -2.61 -26.85
C GLU A 21 7.42 -1.28 -26.34
N LEU A 22 6.65 -0.21 -26.51
CA LEU A 22 7.12 1.11 -26.09
C LEU A 22 7.24 1.19 -24.57
N ILE A 23 6.32 0.54 -23.84
CA ILE A 23 6.42 0.51 -22.39
C ILE A 23 7.70 -0.20 -21.95
N ASN A 24 8.00 -1.35 -22.55
CA ASN A 24 9.21 -2.06 -22.17
C ASN A 24 10.45 -1.25 -22.50
N ARG A 25 10.46 -0.59 -23.67
CA ARG A 25 11.60 0.26 -24.01
C ARG A 25 11.77 1.38 -23.00
N THR A 26 10.66 1.99 -22.57
CA THR A 26 10.75 3.09 -21.62
C THR A 26 11.27 2.61 -20.27
N LEU A 27 10.81 1.45 -19.81
CA LEU A 27 11.32 0.93 -18.54
C LEU A 27 12.81 0.66 -18.62
N GLY A 28 13.26 0.04 -19.71
CA GLY A 28 14.69 -0.21 -19.88
C GLY A 28 15.49 1.08 -19.91
N SER A 29 14.99 2.09 -20.62
CA SER A 29 15.70 3.35 -20.71
C SER A 29 15.81 4.03 -19.36
N ALA A 30 14.72 4.02 -18.57
CA ALA A 30 14.78 4.62 -17.24
C ALA A 30 15.80 3.91 -16.38
N ARG A 31 15.81 2.58 -16.40
CA ARG A 31 16.77 1.85 -15.58
C ARG A 31 18.21 2.15 -16.01
N PHE A 32 18.46 2.19 -17.32
CA PHE A 32 19.81 2.45 -17.80
C PHE A 32 20.27 3.83 -17.39
N VAL A 33 19.38 4.82 -17.48
CA VAL A 33 19.75 6.18 -17.09
C VAL A 33 20.07 6.24 -15.60
N TYR A 34 19.25 5.59 -14.78
CA TYR A 34 19.50 5.54 -13.34
C TYR A 34 20.89 4.97 -13.05
N ASN A 35 21.19 3.80 -13.63
CA ASN A 35 22.50 3.19 -13.40
C ASN A 35 23.64 4.09 -13.87
N HIS A 36 23.53 4.62 -15.08
CA HIS A 36 24.62 5.38 -15.67
C HIS A 36 24.93 6.61 -14.85
N PHE A 37 23.90 7.33 -14.40
CA PHE A 37 24.20 8.55 -13.67
C PHE A 37 24.51 8.29 -12.20
N LEU A 38 24.13 7.15 -11.65
CA LEU A 38 24.71 6.75 -10.37
C LEU A 38 26.22 6.57 -10.50
N ALA A 39 26.65 5.86 -11.54
CA ALA A 39 28.08 5.69 -11.76
C ALA A 39 28.76 7.02 -11.99
N ARG A 40 28.12 7.92 -12.74
CA ARG A 40 28.70 9.23 -13.00
C ARG A 40 28.85 10.04 -11.71
N ARG A 41 27.85 10.01 -10.83
CA ARG A 41 27.99 10.71 -9.56
C ARG A 41 29.12 10.14 -8.73
N ILE A 42 29.25 8.81 -8.68
CA ILE A 42 30.33 8.22 -7.91
C ILE A 42 31.68 8.66 -8.47
N ALA A 43 31.83 8.63 -9.79
CA ALA A 43 33.08 9.08 -10.40
C ALA A 43 33.34 10.54 -10.09
N ALA A 44 32.30 11.37 -10.11
CA ALA A 44 32.50 12.80 -9.82
C ALA A 44 32.94 13.02 -8.39
N TYR A 45 32.36 12.28 -7.44
CA TYR A 45 32.78 12.42 -6.05
C TYR A 45 34.22 11.95 -5.86
N LYS A 46 34.60 10.87 -6.55
CA LYS A 46 35.98 10.43 -6.52
C LYS A 46 36.91 11.48 -7.11
N GLU A 47 36.42 12.21 -8.12
CA GLU A 47 37.27 13.15 -8.83
C GLU A 47 37.47 14.43 -8.02
N SER A 48 36.38 15.14 -7.73
CA SER A 48 36.47 16.48 -7.13
C SER A 48 35.99 16.56 -5.70
N GLY A 49 35.36 15.51 -5.17
CA GLY A 49 34.85 15.57 -3.82
C GLY A 49 33.58 16.37 -3.66
N LYS A 50 32.96 16.80 -4.76
CA LYS A 50 31.68 17.49 -4.73
C LYS A 50 30.65 16.68 -5.49
N GLY A 51 29.51 16.42 -4.84
CA GLY A 51 28.46 15.68 -5.49
C GLY A 51 27.79 16.52 -6.58
N LEU A 52 27.46 15.87 -7.69
CA LEU A 52 26.79 16.54 -8.79
C LEU A 52 25.37 16.91 -8.40
N THR A 53 24.97 18.13 -8.75
CA THR A 53 23.59 18.54 -8.54
C THR A 53 22.69 17.87 -9.58
N TYR A 54 21.39 17.91 -9.33
CA TYR A 54 20.46 17.37 -10.32
C TYR A 54 20.53 18.15 -11.62
N GLY A 55 20.81 19.45 -11.55
CA GLY A 55 20.94 20.23 -12.76
C GLY A 55 22.10 19.78 -13.63
N GLN A 56 23.25 19.49 -13.02
CA GLN A 56 24.39 19.02 -13.80
C GLN A 56 24.13 17.63 -14.38
N THR A 57 23.45 16.77 -13.63
CA THR A 57 23.06 15.47 -14.19
C THR A 57 22.07 15.65 -15.32
N SER A 58 21.19 16.65 -15.21
CA SER A 58 20.24 16.90 -16.28
C SER A 58 20.93 17.33 -17.56
N SER A 59 21.92 18.24 -17.45
CA SER A 59 22.58 18.76 -18.63
C SER A 59 23.33 17.67 -19.38
N GLU A 60 24.04 16.80 -18.66
CA GLU A 60 24.76 15.73 -19.32
C GLU A 60 23.82 14.74 -19.98
N LEU A 61 22.62 14.58 -19.42
CA LEU A 61 21.60 13.77 -20.09
C LEU A 61 21.22 14.38 -21.42
N THR A 62 21.07 15.70 -21.48
CA THR A 62 20.76 16.36 -22.73
C THR A 62 21.89 16.19 -23.74
N LEU A 63 23.14 16.26 -23.28
CA LEU A 63 24.26 15.96 -24.17
C LEU A 63 24.33 14.47 -24.48
N LEU A 64 23.92 13.63 -23.52
CA LEU A 64 23.83 12.20 -23.79
C LEU A 64 22.81 11.91 -24.88
N LYS A 65 21.66 12.60 -24.83
CA LYS A 65 20.61 12.34 -25.81
C LYS A 65 21.08 12.66 -27.22
N GLN A 66 21.82 13.75 -27.38
CA GLN A 66 22.24 14.15 -28.72
C GLN A 66 23.39 13.28 -29.23
N ALA A 67 24.12 12.63 -28.32
CA ALA A 67 25.25 11.80 -28.73
C ALA A 67 24.77 10.58 -29.50
N GLU A 68 25.54 10.22 -30.52
CA GLU A 68 25.16 9.09 -31.38
C GLU A 68 25.12 7.79 -30.61
N GLU A 69 26.06 7.58 -29.68
CA GLU A 69 26.12 6.31 -28.98
C GLU A 69 24.91 6.11 -28.08
N THR A 70 24.31 7.20 -27.60
CA THR A 70 23.15 7.12 -26.72
C THR A 70 21.99 7.98 -27.21
N SER A 71 21.76 8.03 -28.53
CA SER A 71 20.65 8.80 -29.05
C SER A 71 19.33 8.04 -28.97
N TRP A 72 19.40 6.72 -28.76
CA TRP A 72 18.17 5.92 -28.72
C TRP A 72 17.24 6.37 -27.60
N LEU A 73 17.76 7.07 -26.60
CA LEU A 73 16.93 7.56 -25.51
C LEU A 73 15.90 8.55 -26.03
N SER A 74 16.10 9.08 -27.23
CA SER A 74 15.14 10.02 -27.80
C SER A 74 13.83 9.32 -28.16
N GLU A 75 13.85 7.99 -28.32
CA GLU A 75 12.62 7.30 -28.69
C GLU A 75 11.60 7.34 -27.56
N VAL A 76 12.05 7.17 -26.32
CA VAL A 76 11.13 7.06 -25.18
C VAL A 76 10.73 8.43 -24.68
N ASP A 77 9.73 8.47 -23.80
CA ASP A 77 9.24 9.73 -23.25
C ASP A 77 10.31 10.42 -22.42
N LYS A 78 10.40 11.74 -22.56
CA LYS A 78 11.39 12.50 -21.79
C LYS A 78 11.08 12.50 -20.30
N PHE A 79 9.79 12.56 -19.95
CA PHE A 79 9.41 12.64 -18.56
C PHE A 79 9.86 11.41 -17.78
N ALA A 80 9.84 10.24 -18.42
CA ALA A 80 10.28 9.02 -17.75
C ALA A 80 11.76 9.13 -17.37
N LEU A 81 12.60 9.56 -18.30
CA LEU A 81 14.03 9.66 -18.03
C LEU A 81 14.32 10.70 -16.97
N GLN A 82 13.67 11.86 -17.06
CA GLN A 82 13.94 12.90 -16.07
C GLN A 82 13.45 12.48 -14.69
N ASN A 83 12.34 11.75 -14.62
CA ASN A 83 11.87 11.31 -13.32
C ASN A 83 12.74 10.19 -12.78
N SER A 84 13.34 9.39 -13.66
CA SER A 84 14.35 8.44 -13.19
C SER A 84 15.54 9.15 -12.58
N LEU A 85 15.95 10.25 -13.21
CA LEU A 85 17.03 11.06 -12.66
C LEU A 85 16.63 11.64 -11.30
N LYS A 86 15.37 12.07 -11.18
CA LYS A 86 14.89 12.54 -9.88
C LYS A 86 14.85 11.42 -8.86
N ASN A 87 14.56 10.19 -9.29
CA ASN A 87 14.62 9.05 -8.38
C ASN A 87 16.03 8.84 -7.85
N LEU A 88 17.02 8.92 -8.74
CA LEU A 88 18.41 8.83 -8.30
C LEU A 88 18.72 9.94 -7.30
N GLU A 89 18.29 11.16 -7.60
CA GLU A 89 18.57 12.26 -6.70
C GLU A 89 17.92 12.04 -5.35
N THR A 90 16.71 11.50 -5.31
CA THR A 90 16.06 11.26 -4.03
C THR A 90 16.74 10.14 -3.25
N ALA A 91 17.26 9.12 -3.95
CA ALA A 91 18.02 8.10 -3.25
C ALA A 91 19.26 8.70 -2.58
N TYR A 92 19.97 9.56 -3.32
CA TYR A 92 21.10 10.25 -2.72
C TYR A 92 20.67 11.14 -1.56
N LYS A 93 19.53 11.81 -1.69
CA LYS A 93 19.07 12.70 -0.64
C LYS A 93 18.75 11.92 0.62
N ASN A 94 18.12 10.76 0.47
CA ASN A 94 17.84 9.90 1.62
C ASN A 94 19.12 9.48 2.31
N PHE A 95 20.12 9.07 1.52
CA PHE A 95 21.39 8.65 2.12
C PHE A 95 22.04 9.80 2.87
N PHE A 96 22.05 10.99 2.27
CA PHE A 96 22.66 12.14 2.92
C PHE A 96 21.93 12.53 4.21
N ARG A 97 20.60 12.45 4.20
CA ARG A 97 19.85 12.74 5.41
C ARG A 97 20.18 11.75 6.51
N THR A 98 20.32 10.47 6.17
CA THR A 98 20.54 9.47 7.21
C THR A 98 21.99 9.39 7.66
N VAL A 99 22.93 9.98 6.93
CA VAL A 99 24.33 9.93 7.36
C VAL A 99 24.48 10.52 8.76
N LYS A 100 23.88 11.69 9.00
CA LYS A 100 24.01 12.32 10.32
C LYS A 100 23.33 11.49 11.41
N GLN A 101 22.16 10.93 11.11
CA GLN A 101 21.38 10.24 12.12
C GLN A 101 22.11 8.99 12.61
N SER A 102 21.90 8.67 13.88
CA SER A 102 22.42 7.44 14.45
C SER A 102 21.37 6.34 14.37
N GLY A 103 21.75 5.15 14.81
CA GLY A 103 20.82 4.03 14.80
C GLY A 103 20.51 3.58 13.38
N LYS A 104 19.22 3.56 13.05
CA LYS A 104 18.80 3.13 11.72
C LYS A 104 19.38 4.08 10.67
N LYS A 105 19.96 3.50 9.63
CA LYS A 105 20.69 4.25 8.61
C LYS A 105 20.31 3.76 7.24
N VAL A 106 19.89 4.67 6.37
CA VAL A 106 19.59 4.31 4.99
C VAL A 106 20.88 4.01 4.25
N GLY A 107 20.88 2.89 3.52
CA GLY A 107 22.08 2.49 2.81
C GLY A 107 22.38 3.39 1.62
N PHE A 108 23.61 3.25 1.13
CA PHE A 108 23.99 3.94 -0.08
C PHE A 108 23.21 3.38 -1.26
N PRO A 109 22.85 4.19 -2.25
CA PRO A 109 22.11 3.68 -3.40
C PRO A 109 22.89 2.60 -4.11
N ARG A 110 22.16 1.60 -4.61
CA ARG A 110 22.76 0.49 -5.33
C ARG A 110 22.26 0.46 -6.76
N PHE A 111 23.06 -0.13 -7.63
CA PHE A 111 22.72 -0.25 -9.04
C PHE A 111 21.38 -0.94 -9.21
N ARG A 112 20.54 -0.38 -10.07
CA ARG A 112 19.24 -0.95 -10.33
C ARG A 112 19.37 -2.21 -11.18
N LYS A 113 18.57 -3.23 -10.84
CA LYS A 113 18.63 -4.52 -11.49
C LYS A 113 17.32 -4.81 -12.18
N LYS A 114 17.38 -5.65 -13.21
CA LYS A 114 16.17 -6.10 -13.89
C LYS A 114 15.28 -6.83 -12.90
N ARG A 115 14.00 -6.45 -12.87
CA ARG A 115 13.05 -7.08 -11.98
C ARG A 115 11.66 -7.02 -12.60
N THR A 116 10.78 -7.91 -12.13
CA THR A 116 9.47 -8.04 -12.75
C THR A 116 8.65 -6.77 -12.60
N GLY A 117 8.66 -6.17 -11.42
CA GLY A 117 7.84 -4.99 -11.19
C GLY A 117 8.59 -3.68 -11.35
N GLU A 118 8.45 -3.06 -12.51
CA GLU A 118 9.13 -1.80 -12.80
C GLU A 118 8.13 -0.80 -13.33
N SER A 119 8.38 0.48 -13.03
CA SER A 119 7.47 1.55 -13.39
C SER A 119 8.23 2.71 -14.00
N TYR A 120 7.56 3.46 -14.86
CA TYR A 120 8.04 4.73 -15.36
C TYR A 120 6.95 5.78 -15.22
N ARG A 121 7.33 6.96 -14.77
CA ARG A 121 6.39 8.01 -14.41
C ARG A 121 6.47 9.16 -15.40
N THR A 122 5.31 9.59 -15.91
CA THR A 122 5.25 10.66 -16.89
C THR A 122 4.33 11.76 -16.37
N GLN A 123 4.79 13.00 -16.43
CA GLN A 123 4.03 14.12 -15.89
C GLN A 123 2.95 14.57 -16.86
N PHE A 124 2.24 15.63 -16.48
CA PHE A 124 1.15 16.19 -17.25
C PHE A 124 1.50 17.61 -17.65
N THR A 125 1.31 17.94 -18.92
CA THR A 125 1.52 19.29 -19.42
C THR A 125 0.82 19.46 -20.75
N ASN A 126 0.12 20.59 -20.91
CA ASN A 126 -0.52 20.94 -22.18
C ASN A 126 -1.46 19.85 -22.68
N ASN A 127 -2.23 19.26 -21.75
CA ASN A 127 -3.22 18.25 -22.07
C ASN A 127 -2.64 17.07 -22.83
N ASN A 128 -1.43 16.63 -22.45
CA ASN A 128 -0.88 15.42 -23.06
C ASN A 128 -1.52 14.18 -22.48
N ILE A 129 -2.14 14.29 -21.31
CA ILE A 129 -2.86 13.19 -20.67
C ILE A 129 -4.33 13.55 -20.62
N GLN A 130 -5.17 12.71 -21.20
CA GLN A 130 -6.61 12.92 -21.25
C GLN A 130 -7.32 11.63 -20.82
N ILE A 131 -8.45 11.79 -20.14
CA ILE A 131 -9.19 10.68 -19.57
C ILE A 131 -10.55 10.61 -20.22
N GLY A 132 -10.85 9.46 -20.84
CA GLY A 132 -12.14 9.24 -21.44
C GLY A 132 -12.84 8.08 -20.75
N GLU A 133 -14.00 7.72 -21.29
CA GLU A 133 -14.75 6.58 -20.76
C GLU A 133 -14.19 5.29 -21.34
N GLY A 134 -13.47 4.53 -20.51
CA GLY A 134 -12.84 3.32 -20.96
C GLY A 134 -11.57 3.52 -21.75
N ARG A 135 -11.02 4.72 -21.79
CA ARG A 135 -9.80 5.01 -22.52
C ARG A 135 -8.91 5.88 -21.66
N LEU A 136 -7.61 5.84 -21.94
CA LEU A 136 -6.64 6.70 -21.28
C LEU A 136 -5.57 7.08 -22.29
N LYS A 137 -5.20 8.36 -22.30
CA LYS A 137 -4.23 8.89 -23.25
C LYS A 137 -2.93 9.19 -22.50
N LEU A 138 -1.84 8.57 -22.94
CA LEU A 138 -0.55 8.77 -22.32
C LEU A 138 0.43 9.31 -23.35
N PRO A 139 1.44 10.06 -22.93
CA PRO A 139 2.41 10.61 -23.89
C PRO A 139 3.12 9.51 -24.63
N LYS A 140 3.32 9.72 -25.93
CA LYS A 140 4.04 8.87 -26.86
C LYS A 140 3.31 7.56 -27.14
N LEU A 141 2.17 7.29 -26.50
CA LEU A 141 1.46 6.03 -26.66
C LEU A 141 0.12 6.16 -27.36
N GLY A 142 -0.62 7.24 -27.14
CA GLY A 142 -1.97 7.35 -27.65
C GLY A 142 -2.98 6.87 -26.63
N TRP A 143 -4.14 6.47 -27.15
CA TRP A 143 -5.20 5.97 -26.29
C TRP A 143 -4.96 4.50 -25.96
N VAL A 144 -5.07 4.15 -24.68
CA VAL A 144 -4.98 2.77 -24.23
C VAL A 144 -6.27 2.43 -23.50
N LYS A 145 -6.79 1.23 -23.77
CA LYS A 145 -8.05 0.82 -23.16
C LYS A 145 -7.85 0.41 -21.71
N THR A 146 -8.66 0.97 -20.83
CA THR A 146 -8.58 0.71 -19.40
C THR A 146 -9.88 0.10 -18.92
N LYS A 147 -9.78 -0.94 -18.10
CA LYS A 147 -10.92 -1.58 -17.49
C LYS A 147 -10.98 -1.18 -16.03
N GLY A 148 -12.20 -1.03 -15.53
CA GLY A 148 -12.36 -0.59 -14.15
C GLY A 148 -11.93 0.83 -13.91
N GLN A 149 -12.32 1.75 -14.80
CA GLN A 149 -12.03 3.16 -14.61
C GLN A 149 -13.17 3.81 -13.85
N GLN A 150 -12.90 4.20 -12.60
CA GLN A 150 -13.88 4.90 -11.80
C GLN A 150 -14.07 6.32 -12.31
N ASP A 151 -14.94 7.07 -11.62
CA ASP A 151 -15.10 8.48 -11.94
C ASP A 151 -13.86 9.25 -11.52
N ILE A 152 -13.03 9.62 -12.48
CA ILE A 152 -11.78 10.31 -12.23
C ILE A 152 -12.00 11.81 -12.37
N GLN A 153 -11.73 12.55 -11.30
CA GLN A 153 -11.98 13.98 -11.24
C GLN A 153 -10.66 14.70 -10.95
N GLY A 154 -10.76 16.00 -10.70
CA GLY A 154 -9.61 16.80 -10.35
C GLY A 154 -8.66 17.00 -11.51
N LYS A 155 -7.48 17.52 -11.18
CA LYS A 155 -6.45 17.84 -12.16
C LYS A 155 -5.41 16.74 -12.17
N ILE A 156 -5.14 16.20 -13.35
CA ILE A 156 -4.16 15.12 -13.47
C ILE A 156 -2.77 15.68 -13.26
N LEU A 157 -2.00 15.02 -12.39
CA LEU A 157 -0.62 15.41 -12.14
C LEU A 157 0.37 14.55 -12.92
N ASN A 158 0.30 13.23 -12.76
CA ASN A 158 1.16 12.32 -13.50
C ASN A 158 0.54 10.94 -13.51
N VAL A 159 1.04 10.09 -14.40
CA VAL A 159 0.57 8.72 -14.55
C VAL A 159 1.76 7.79 -14.38
N THR A 160 1.63 6.83 -13.47
CA THR A 160 2.66 5.81 -13.25
C THR A 160 2.24 4.52 -13.94
N VAL A 161 2.98 4.13 -14.97
CA VAL A 161 2.69 2.93 -15.73
C VAL A 161 3.54 1.81 -15.16
N ARG A 162 2.89 0.78 -14.62
CA ARG A 162 3.57 -0.27 -13.89
C ARG A 162 3.29 -1.63 -14.51
N ARG A 163 4.31 -2.47 -14.60
CA ARG A 163 4.17 -3.83 -15.11
C ARG A 163 4.20 -4.79 -13.94
N ILE A 164 3.01 -5.22 -13.48
CA ILE A 164 2.93 -6.13 -12.35
C ILE A 164 3.64 -7.44 -12.68
N HIS A 165 3.30 -8.03 -13.81
CA HIS A 165 4.00 -9.19 -14.35
C HIS A 165 3.70 -9.25 -15.84
N GLU A 166 4.39 -10.14 -16.53
CA GLU A 166 4.30 -10.18 -17.98
C GLU A 166 2.85 -10.34 -18.42
N GLY A 167 2.38 -9.41 -19.25
CA GLY A 167 1.00 -9.39 -19.68
C GLY A 167 0.05 -8.68 -18.74
N HIS A 168 0.54 -8.13 -17.64
CA HIS A 168 -0.29 -7.47 -16.63
C HIS A 168 0.27 -6.07 -16.42
N TYR A 169 -0.48 -5.05 -16.83
CA TYR A 169 -0.04 -3.66 -16.71
C TYR A 169 -1.09 -2.86 -15.97
N GLU A 170 -0.66 -2.00 -15.06
CA GLU A 170 -1.55 -1.16 -14.29
C GLU A 170 -1.00 0.26 -14.25
N ALA A 171 -1.89 1.23 -14.44
CA ALA A 171 -1.52 2.64 -14.45
C ALA A 171 -2.17 3.33 -13.26
N SER A 172 -1.36 4.01 -12.47
CA SER A 172 -1.84 4.74 -11.29
C SER A 172 -1.87 6.23 -11.61
N VAL A 173 -3.05 6.74 -11.92
CA VAL A 173 -3.23 8.13 -12.30
C VAL A 173 -3.33 8.96 -11.04
N LEU A 174 -2.36 9.84 -10.82
CA LEU A 174 -2.36 10.72 -9.66
C LEU A 174 -3.09 12.01 -10.02
N CYS A 175 -4.22 12.26 -9.36
CA CYS A 175 -5.01 13.44 -9.60
C CYS A 175 -5.19 14.19 -8.29
N GLU A 176 -5.15 15.52 -8.37
CA GLU A 176 -5.40 16.36 -7.20
C GLU A 176 -6.91 16.62 -7.11
N VAL A 177 -7.61 15.73 -6.43
CA VAL A 177 -9.08 15.73 -6.41
C VAL A 177 -9.53 16.33 -5.09
N GLU A 178 -10.60 17.10 -5.13
CA GLU A 178 -11.23 17.54 -3.89
C GLU A 178 -12.14 16.44 -3.36
N ILE A 179 -11.98 16.12 -2.09
CA ILE A 179 -12.73 15.05 -1.43
C ILE A 179 -13.65 15.69 -0.41
N PRO A 180 -14.96 15.75 -0.64
CA PRO A 180 -15.86 16.34 0.35
C PRO A 180 -15.93 15.50 1.60
N TYR A 181 -16.12 16.17 2.74
CA TYR A 181 -16.24 15.48 4.02
C TYR A 181 -17.57 14.74 4.10
N LEU A 182 -17.56 13.55 4.67
CA LEU A 182 -18.78 12.78 4.84
C LEU A 182 -19.67 13.44 5.89
N PRO A 183 -20.98 13.32 5.74
CA PRO A 183 -21.88 13.91 6.74
C PRO A 183 -21.83 13.14 8.05
N ALA A 184 -22.59 13.65 9.02
CA ALA A 184 -22.52 13.14 10.39
C ALA A 184 -22.86 11.65 10.44
N ALA A 185 -22.01 10.89 11.11
CA ALA A 185 -22.17 9.45 11.15
C ALA A 185 -23.30 9.05 12.10
N PRO A 186 -24.00 7.95 11.79
CA PRO A 186 -25.07 7.50 12.69
C PRO A 186 -24.61 7.14 14.10
N LYS A 187 -23.40 6.60 14.24
CA LYS A 187 -22.88 6.17 15.54
C LYS A 187 -21.70 7.04 15.95
N PHE A 188 -21.44 7.11 17.26
CA PHE A 188 -20.42 8.03 17.75
C PHE A 188 -19.02 7.45 17.63
N ALA A 189 -18.78 6.29 18.24
CA ALA A 189 -17.44 5.73 18.25
C ALA A 189 -17.50 4.22 18.29
N ALA A 190 -16.38 3.60 17.94
CA ALA A 190 -16.29 2.15 17.84
C ALA A 190 -15.04 1.65 18.57
N GLY A 191 -15.05 0.36 18.89
CA GLY A 191 -13.88 -0.31 19.42
C GLY A 191 -13.59 -1.58 18.63
N VAL A 192 -12.35 -1.76 18.20
CA VAL A 192 -11.98 -2.84 17.30
C VAL A 192 -10.94 -3.70 18.00
N ASP A 193 -10.98 -5.01 17.75
CA ASP A 193 -10.10 -5.97 18.39
C ASP A 193 -9.41 -6.85 17.35
N VAL A 194 -8.76 -7.89 17.86
CA VAL A 194 -8.25 -9.01 17.06
C VAL A 194 -8.67 -10.29 17.74
N GLY A 195 -9.22 -11.21 16.97
CA GLY A 195 -9.58 -12.52 17.48
C GLY A 195 -9.03 -13.61 16.58
N ILE A 196 -9.09 -14.84 17.08
CA ILE A 196 -8.62 -15.97 16.29
C ILE A 196 -9.69 -16.36 15.27
N LYS A 197 -10.86 -16.76 15.75
CA LYS A 197 -11.93 -17.18 14.84
C LYS A 197 -12.51 -15.98 14.08
N ASP A 198 -12.74 -14.88 14.78
CA ASP A 198 -13.25 -13.65 14.17
C ASP A 198 -12.09 -12.70 13.94
N PHE A 199 -12.07 -12.03 12.79
CA PHE A 199 -11.00 -11.09 12.52
C PHE A 199 -11.02 -9.93 13.51
N ALA A 200 -12.21 -9.40 13.80
CA ALA A 200 -12.34 -8.27 14.70
C ALA A 200 -13.71 -8.28 15.34
N ILE A 201 -13.83 -7.59 16.48
CA ILE A 201 -15.09 -7.46 17.20
C ILE A 201 -15.40 -5.97 17.35
N VAL A 202 -16.22 -5.46 16.46
CA VAL A 202 -16.53 -4.02 16.40
C VAL A 202 -17.74 -3.76 17.26
N THR A 203 -17.63 -2.82 18.19
CA THR A 203 -18.70 -2.49 19.10
C THR A 203 -18.92 -0.98 19.14
N ASP A 204 -20.18 -0.57 19.09
CA ASP A 204 -20.52 0.83 19.31
C ASP A 204 -20.93 1.11 20.75
N GLY A 205 -20.96 0.09 21.60
CA GLY A 205 -21.44 0.22 22.96
C GLY A 205 -22.82 -0.36 23.19
N VAL A 206 -23.72 -0.22 22.21
CA VAL A 206 -25.03 -0.85 22.32
C VAL A 206 -24.91 -2.36 22.20
N ARG A 207 -24.12 -2.82 21.23
CA ARG A 207 -24.02 -4.25 20.95
C ARG A 207 -22.67 -4.54 20.32
N PHE A 208 -22.40 -5.81 20.10
CA PHE A 208 -21.18 -6.27 19.45
C PHE A 208 -21.53 -6.78 18.06
N LYS A 209 -20.71 -6.43 17.09
CA LYS A 209 -20.84 -6.94 15.73
C LYS A 209 -19.56 -7.67 15.36
N HIS A 210 -19.64 -8.98 15.17
CA HIS A 210 -18.48 -9.79 14.88
C HIS A 210 -18.17 -9.71 13.39
N GLU A 211 -17.15 -8.95 13.03
CA GLU A 211 -16.66 -8.92 11.67
C GLU A 211 -15.87 -10.21 11.44
N GLN A 212 -16.59 -11.29 11.19
CA GLN A 212 -15.95 -12.57 10.98
C GLN A 212 -15.12 -12.55 9.70
N ASN A 213 -14.27 -13.56 9.55
CA ASN A 213 -13.44 -13.65 8.37
C ASN A 213 -14.32 -13.76 7.12
N PRO A 214 -13.85 -13.25 5.99
CA PRO A 214 -14.70 -13.24 4.79
C PRO A 214 -15.09 -14.65 4.39
N LYS A 215 -16.26 -14.74 3.77
CA LYS A 215 -16.76 -16.02 3.29
C LYS A 215 -15.78 -16.63 2.30
N TYR A 216 -15.50 -17.92 2.46
CA TYR A 216 -14.56 -18.74 1.71
C TYR A 216 -13.11 -18.42 2.04
N TYR A 217 -12.83 -17.59 3.05
CA TYR A 217 -11.45 -17.33 3.41
C TYR A 217 -10.79 -18.56 4.00
N ARG A 218 -11.44 -19.20 4.97
CA ARG A 218 -10.90 -20.46 5.49
C ARG A 218 -10.91 -21.54 4.43
N SER A 219 -11.90 -21.51 3.54
CA SER A 219 -11.94 -22.45 2.44
C SER A 219 -10.75 -22.25 1.50
N THR A 220 -10.42 -21.00 1.18
CA THR A 220 -9.27 -20.73 0.32
C THR A 220 -7.97 -21.17 0.98
N LEU A 221 -7.85 -20.93 2.29
CA LEU A 221 -6.65 -21.35 3.00
C LEU A 221 -6.44 -22.85 2.88
N LYS A 222 -7.52 -23.63 2.78
CA LYS A 222 -7.40 -25.05 2.51
C LYS A 222 -6.74 -25.29 1.16
N ARG A 223 -7.17 -24.54 0.14
CA ARG A 223 -6.59 -24.71 -1.18
C ARG A 223 -5.14 -24.24 -1.22
N LEU A 224 -4.78 -23.30 -0.35
CA LEU A 224 -3.38 -22.93 -0.22
C LEU A 224 -2.53 -24.11 0.24
N ARG A 225 -3.01 -24.84 1.25
CA ARG A 225 -2.25 -25.97 1.76
C ARG A 225 -2.12 -27.08 0.71
N LYS A 226 -3.20 -27.32 -0.04
CA LYS A 226 -3.13 -28.34 -1.08
C LYS A 226 -2.12 -27.97 -2.17
N ALA A 227 -2.08 -26.70 -2.56
CA ALA A 227 -1.17 -26.29 -3.62
C ALA A 227 0.28 -26.46 -3.20
N GLN A 228 0.60 -26.15 -1.94
CA GLN A 228 1.98 -26.29 -1.47
C GLN A 228 2.42 -27.75 -1.46
N GLN A 229 1.51 -28.67 -1.11
CA GLN A 229 1.87 -30.08 -1.13
C GLN A 229 2.29 -30.52 -2.52
N THR A 230 1.51 -30.14 -3.54
CA THR A 230 1.85 -30.54 -4.91
C THR A 230 3.17 -29.93 -5.35
N LEU A 231 3.41 -28.66 -5.02
CA LEU A 231 4.67 -28.03 -5.39
C LEU A 231 5.85 -28.69 -4.71
N SER A 232 5.70 -29.04 -3.43
CA SER A 232 6.82 -29.58 -2.66
C SER A 232 7.27 -30.92 -3.21
N ARG A 233 6.33 -31.80 -3.57
CA ARG A 233 6.72 -33.11 -4.06
C ARG A 233 7.23 -33.03 -5.50
N ARG A 234 6.77 -32.05 -6.27
CA ARG A 234 7.27 -31.88 -7.61
C ARG A 234 8.75 -31.50 -7.59
N LYS A 235 9.54 -32.19 -8.40
CA LYS A 235 10.95 -31.88 -8.52
C LYS A 235 11.15 -30.55 -9.23
N LYS A 236 12.23 -29.85 -8.88
CA LYS A 236 12.46 -28.51 -9.39
C LYS A 236 12.89 -28.55 -10.85
N GLY A 237 12.58 -27.48 -11.57
CA GLY A 237 13.00 -27.31 -12.94
C GLY A 237 12.04 -27.83 -13.99
N SER A 238 10.99 -28.55 -13.60
CA SER A 238 10.06 -29.09 -14.58
C SER A 238 9.04 -28.04 -14.99
N ALA A 239 8.48 -28.22 -16.18
CA ALA A 239 7.44 -27.32 -16.64
C ALA A 239 6.21 -27.41 -15.75
N ARG A 240 5.83 -28.63 -15.36
CA ARG A 240 4.70 -28.80 -14.46
C ARG A 240 5.01 -28.19 -13.09
N TYR A 241 6.28 -28.20 -12.69
CA TYR A 241 6.66 -27.48 -11.48
C TYR A 241 6.43 -25.99 -11.65
N GLY A 242 6.76 -25.45 -12.82
CA GLY A 242 6.51 -24.04 -13.08
C GLY A 242 5.01 -23.72 -13.04
N LYS A 243 4.19 -24.61 -13.62
CA LYS A 243 2.75 -24.40 -13.61
C LYS A 243 2.21 -24.45 -12.18
N ALA A 244 2.71 -25.39 -11.37
CA ALA A 244 2.30 -25.45 -9.97
C ALA A 244 2.71 -24.18 -9.23
N LYS A 245 3.92 -23.67 -9.52
CA LYS A 245 4.35 -22.43 -8.87
C LYS A 245 3.47 -21.27 -9.30
N THR A 246 3.09 -21.20 -10.56
CA THR A 246 2.21 -20.14 -11.03
C THR A 246 0.85 -20.23 -10.37
N LYS A 247 0.32 -21.45 -10.24
CA LYS A 247 -0.97 -21.62 -9.58
C LYS A 247 -0.90 -21.22 -8.11
N LEU A 248 0.20 -21.59 -7.44
CA LEU A 248 0.39 -21.16 -6.06
C LEU A 248 0.47 -19.64 -5.96
N ALA A 249 1.15 -19.00 -6.92
CA ALA A 249 1.23 -17.55 -6.93
C ALA A 249 -0.14 -16.94 -7.12
N ARG A 250 -0.97 -17.53 -7.99
CA ARG A 250 -2.31 -17.01 -8.20
C ARG A 250 -3.16 -17.16 -6.96
N ILE A 251 -3.01 -18.27 -6.23
CA ILE A 251 -3.77 -18.43 -4.99
C ILE A 251 -3.31 -17.41 -3.96
N HIS A 252 -2.01 -17.14 -3.89
CA HIS A 252 -1.52 -16.09 -3.01
C HIS A 252 -2.12 -14.74 -3.39
N LYS A 253 -2.17 -14.46 -4.69
CA LYS A 253 -2.75 -13.21 -5.16
C LYS A 253 -4.22 -13.10 -4.80
N ARG A 254 -4.96 -14.20 -4.93
CA ARG A 254 -6.37 -14.18 -4.55
C ARG A 254 -6.55 -13.96 -3.07
N ILE A 255 -5.69 -14.56 -2.25
CA ILE A 255 -5.76 -14.33 -0.80
C ILE A 255 -5.51 -12.87 -0.49
N VAL A 256 -4.49 -12.29 -1.11
CA VAL A 256 -4.17 -10.89 -0.85
C VAL A 256 -5.32 -9.99 -1.29
N ASN A 257 -5.89 -10.28 -2.47
CA ASN A 257 -6.98 -9.45 -2.98
C ASN A 257 -8.21 -9.55 -2.11
N LYS A 258 -8.55 -10.76 -1.65
CA LYS A 258 -9.71 -10.93 -0.79
C LYS A 258 -9.50 -10.20 0.54
N ARG A 259 -8.29 -10.31 1.10
CA ARG A 259 -8.01 -9.61 2.34
C ARG A 259 -8.11 -8.10 2.15
N GLN A 260 -7.56 -7.59 1.05
CA GLN A 260 -7.61 -6.15 0.81
C GLN A 260 -9.03 -5.67 0.60
N ASP A 261 -9.84 -6.43 -0.14
CA ASP A 261 -11.23 -6.05 -0.33
C ASP A 261 -11.99 -6.06 0.98
N PHE A 262 -11.76 -7.09 1.80
CA PHE A 262 -12.42 -7.16 3.09
C PHE A 262 -12.05 -5.97 3.96
N LEU A 263 -10.76 -5.62 3.99
CA LEU A 263 -10.32 -4.48 4.81
C LEU A 263 -10.83 -3.17 4.25
N HIS A 264 -10.87 -3.03 2.92
CA HIS A 264 -11.36 -1.79 2.32
C HIS A 264 -12.83 -1.58 2.63
N LYS A 265 -13.66 -2.60 2.41
CA LYS A 265 -15.06 -2.49 2.75
C LYS A 265 -15.27 -2.26 4.24
N LEU A 266 -14.54 -2.97 5.10
CA LEU A 266 -14.69 -2.81 6.54
C LEU A 266 -14.28 -1.41 7.00
N THR A 267 -13.17 -0.88 6.47
CA THR A 267 -12.72 0.43 6.89
C THR A 267 -13.61 1.54 6.34
N THR A 268 -14.10 1.38 5.12
CA THR A 268 -15.08 2.34 4.60
C THR A 268 -16.35 2.32 5.44
N SER A 269 -16.80 1.13 5.82
CA SER A 269 -17.97 1.03 6.68
C SER A 269 -17.72 1.67 8.03
N LEU A 270 -16.54 1.45 8.61
CA LEU A 270 -16.24 2.04 9.90
C LEU A 270 -16.19 3.56 9.81
N VAL A 271 -15.62 4.09 8.73
CA VAL A 271 -15.56 5.54 8.55
C VAL A 271 -16.95 6.13 8.39
N ARG A 272 -17.80 5.47 7.59
CA ARG A 272 -19.14 5.99 7.34
C ARG A 272 -20.03 5.84 8.57
N GLU A 273 -19.75 4.84 9.40
CA GLU A 273 -20.67 4.50 10.48
C GLU A 273 -20.30 5.17 11.79
N TYR A 274 -19.02 5.45 12.02
CA TYR A 274 -18.55 5.90 13.32
C TYR A 274 -17.70 7.15 13.18
N GLU A 275 -17.87 8.09 14.13
CA GLU A 275 -17.09 9.33 14.10
C GLU A 275 -15.65 9.09 14.50
N ILE A 276 -15.42 8.31 15.54
CA ILE A 276 -14.08 8.05 16.07
C ILE A 276 -13.89 6.54 16.15
N ILE A 277 -12.79 6.05 15.58
CA ILE A 277 -12.48 4.63 15.55
C ILE A 277 -11.21 4.39 16.35
N GLY A 278 -11.24 3.40 17.24
CA GLY A 278 -10.09 3.12 18.07
C GLY A 278 -9.55 1.71 17.98
N THR A 279 -8.27 1.57 17.66
CA THR A 279 -7.63 0.27 17.51
C THR A 279 -6.33 0.23 18.29
N GLU A 280 -6.07 -0.91 18.95
CA GLU A 280 -4.77 -1.14 19.54
C GLU A 280 -3.73 -1.30 18.45
N HIS A 281 -2.55 -0.72 18.67
CA HIS A 281 -1.49 -0.72 17.67
C HIS A 281 -0.60 -1.94 17.86
N LEU A 282 -0.53 -2.79 16.84
CA LEU A 282 0.39 -3.93 16.85
C LEU A 282 0.79 -4.27 15.42
N ASP A 299 -3.58 -14.02 8.69
CA ASP A 299 -4.99 -13.70 8.90
C ASP A 299 -5.18 -12.27 9.39
N ALA A 300 -4.19 -11.78 10.13
CA ALA A 300 -4.32 -10.45 10.73
C ALA A 300 -4.21 -9.34 9.69
N GLY A 301 -3.05 -9.19 9.07
CA GLY A 301 -2.86 -8.10 8.13
C GLY A 301 -3.13 -6.75 8.76
N TRP A 302 -2.70 -6.56 9.99
CA TRP A 302 -3.12 -5.40 10.77
C TRP A 302 -2.51 -4.10 10.26
N GLY A 303 -1.31 -4.17 9.67
CA GLY A 303 -0.67 -2.96 9.20
C GLY A 303 -1.46 -2.26 8.11
N GLU A 304 -1.93 -3.01 7.12
CA GLU A 304 -2.74 -2.42 6.06
C GLU A 304 -4.07 -1.90 6.61
N PHE A 305 -4.66 -2.63 7.55
CA PHE A 305 -5.89 -2.15 8.18
C PHE A 305 -5.68 -0.79 8.82
N ILE A 306 -4.62 -0.63 9.60
CA ILE A 306 -4.38 0.64 10.27
C ILE A 306 -4.04 1.74 9.26
N ARG A 307 -3.24 1.41 8.24
CA ARG A 307 -2.91 2.43 7.25
C ARG A 307 -4.16 2.94 6.54
N GLN A 308 -5.01 2.01 6.10
CA GLN A 308 -6.24 2.41 5.41
C GLN A 308 -7.14 3.21 6.32
N LEU A 309 -7.29 2.77 7.57
CA LEU A 309 -8.14 3.49 8.50
C LEU A 309 -7.64 4.91 8.69
N GLU A 310 -6.33 5.08 8.87
CA GLU A 310 -5.78 6.41 9.12
C GLU A 310 -5.95 7.32 7.91
N TYR A 311 -5.59 6.86 6.72
CA TYR A 311 -5.68 7.76 5.57
C TYR A 311 -7.13 8.06 5.20
N LYS A 312 -8.03 7.08 5.33
CA LYS A 312 -9.42 7.34 5.03
C LYS A 312 -10.04 8.28 6.06
N ALA A 313 -9.65 8.15 7.33
CA ALA A 313 -10.14 9.09 8.32
C ALA A 313 -9.65 10.50 8.04
N ALA A 314 -8.39 10.63 7.61
CA ALA A 314 -7.89 11.94 7.24
C ALA A 314 -8.65 12.52 6.06
N TRP A 315 -8.93 11.69 5.04
CA TRP A 315 -9.63 12.19 3.86
C TRP A 315 -11.06 12.60 4.17
N TYR A 316 -11.82 11.72 4.84
CA TYR A 316 -13.24 11.95 5.03
C TYR A 316 -13.57 12.67 6.32
N GLY A 317 -12.56 13.06 7.10
CA GLY A 317 -12.80 13.88 8.27
C GLY A 317 -13.04 13.14 9.57
N ARG A 318 -12.90 11.83 9.59
CA ARG A 318 -12.97 11.11 10.85
C ARG A 318 -11.64 11.18 11.57
N LEU A 319 -11.66 10.84 12.86
CA LEU A 319 -10.47 10.89 13.69
C LEU A 319 -10.21 9.51 14.27
N VAL A 320 -8.99 9.01 14.09
CA VAL A 320 -8.59 7.69 14.55
C VAL A 320 -7.72 7.85 15.79
N SER A 321 -8.09 7.16 16.87
CA SER A 321 -7.34 7.20 18.12
C SER A 321 -6.81 5.81 18.43
N LYS A 322 -5.49 5.64 18.34
CA LYS A 322 -4.85 4.35 18.52
C LYS A 322 -4.45 4.17 19.98
N VAL A 323 -4.86 3.03 20.56
CA VAL A 323 -4.57 2.77 21.96
C VAL A 323 -3.07 2.57 22.17
N SER A 324 -2.58 3.06 23.29
CA SER A 324 -1.19 2.82 23.67
C SER A 324 -0.97 1.33 23.90
N PRO A 325 0.10 0.74 23.37
CA PRO A 325 0.31 -0.71 23.57
C PRO A 325 0.47 -1.11 25.03
N TYR A 326 0.80 -0.17 25.90
CA TYR A 326 0.93 -0.45 27.33
C TYR A 326 -0.41 -0.78 27.99
N PHE A 327 -1.52 -0.55 27.30
CA PHE A 327 -2.84 -0.82 27.87
C PHE A 327 -3.14 -2.32 27.78
N PRO A 328 -3.26 -3.00 28.90
CA PRO A 328 -3.61 -4.44 28.91
C PRO A 328 -5.13 -4.64 28.99
N SER A 329 -5.81 -4.37 27.87
CA SER A 329 -7.26 -4.31 27.88
C SER A 329 -7.87 -5.66 28.25
N SER A 330 -7.32 -6.75 27.72
CA SER A 330 -7.91 -8.06 27.95
C SER A 330 -7.94 -8.41 29.43
N GLN A 331 -6.85 -8.12 30.15
CA GLN A 331 -6.81 -8.43 31.58
C GLN A 331 -7.83 -7.62 32.35
N LEU A 332 -7.98 -6.35 32.03
CA LEU A 332 -8.88 -5.49 32.78
C LEU A 332 -10.34 -5.84 32.50
N CYS A 333 -11.17 -5.71 33.53
CA CYS A 333 -12.61 -5.80 33.36
C CYS A 333 -13.15 -4.41 33.06
N HIS A 334 -14.04 -4.34 32.06
CA HIS A 334 -14.57 -3.05 31.65
C HIS A 334 -15.37 -2.41 32.77
N ASP A 335 -16.06 -3.21 33.59
CA ASP A 335 -16.92 -2.65 34.62
C ASP A 335 -16.11 -2.12 35.79
N CYS A 336 -15.09 -2.86 36.24
CA CYS A 336 -14.36 -2.51 37.44
C CYS A 336 -12.89 -2.19 37.22
N GLY A 337 -12.27 -2.69 36.17
CA GLY A 337 -10.86 -2.41 35.92
C GLY A 337 -9.89 -3.32 36.64
N PHE A 338 -10.37 -4.37 37.29
CA PHE A 338 -9.46 -5.32 37.94
C PHE A 338 -8.67 -6.09 36.89
N LYS A 339 -7.42 -6.39 37.22
CA LYS A 339 -6.53 -7.12 36.32
C LYS A 339 -6.41 -8.56 36.79
N ASN A 340 -6.51 -9.50 35.86
CA ASN A 340 -6.43 -10.91 36.18
C ASN A 340 -5.35 -11.59 35.34
N PRO A 341 -4.38 -12.26 35.95
CA PRO A 341 -3.37 -12.99 35.16
C PRO A 341 -3.94 -14.15 34.37
N GLU A 342 -5.12 -14.66 34.74
CA GLU A 342 -5.69 -15.79 34.03
C GLU A 342 -6.01 -15.43 32.58
N VAL A 343 -6.41 -14.19 32.33
CA VAL A 343 -6.79 -13.77 30.99
C VAL A 343 -5.57 -13.79 30.06
N LYS A 344 -4.37 -13.74 30.64
CA LYS A 344 -3.17 -13.88 29.83
C LYS A 344 -3.14 -15.24 29.11
N ASN A 345 -3.64 -16.28 29.77
CA ASN A 345 -3.77 -17.57 29.13
C ASN A 345 -4.82 -17.51 28.03
N LEU A 346 -4.47 -18.03 26.85
CA LEU A 346 -5.39 -17.97 25.72
C LEU A 346 -6.53 -18.97 25.88
N ALA A 347 -6.31 -20.01 26.68
CA ALA A 347 -7.33 -21.05 26.83
C ALA A 347 -8.56 -20.52 27.55
N VAL A 348 -8.41 -19.42 28.28
CA VAL A 348 -9.52 -18.85 29.05
C VAL A 348 -10.32 -17.89 28.17
N ARG A 349 -11.26 -18.44 27.39
CA ARG A 349 -12.11 -17.60 26.55
C ARG A 349 -13.20 -16.92 27.36
N THR A 350 -13.69 -17.59 28.40
CA THR A 350 -14.69 -17.02 29.30
C THR A 350 -14.15 -17.07 30.72
N TRP A 351 -14.10 -15.92 31.37
CA TRP A 351 -13.58 -15.81 32.72
C TRP A 351 -14.44 -14.87 33.55
N THR A 352 -14.33 -14.99 34.86
CA THR A 352 -15.10 -14.19 35.80
C THR A 352 -14.16 -13.31 36.61
N CYS A 353 -14.53 -12.05 36.78
CA CYS A 353 -13.74 -11.11 37.55
C CYS A 353 -14.13 -11.18 39.01
N PRO A 354 -13.25 -11.62 39.90
CA PRO A 354 -13.61 -11.68 41.32
C PRO A 354 -13.95 -10.32 41.92
N ASN A 355 -13.27 -9.26 41.47
CA ASN A 355 -13.52 -7.94 42.03
C ASN A 355 -14.91 -7.44 41.65
N CYS A 356 -15.28 -7.54 40.37
CA CYS A 356 -16.58 -7.08 39.91
C CYS A 356 -17.66 -8.16 40.01
N GLY A 357 -17.29 -9.40 40.30
CA GLY A 357 -18.27 -10.47 40.42
C GLY A 357 -19.09 -10.68 39.16
N GLU A 358 -18.47 -10.55 38.00
CA GLU A 358 -19.16 -10.65 36.73
C GLU A 358 -18.36 -11.50 35.77
N THR A 359 -19.07 -12.27 34.94
CA THR A 359 -18.47 -13.08 33.90
C THR A 359 -18.77 -12.45 32.55
N HIS A 360 -17.72 -12.22 31.76
CA HIS A 360 -17.86 -11.60 30.45
C HIS A 360 -16.94 -12.29 29.47
N ASP A 361 -17.36 -12.35 28.20
CA ASP A 361 -16.52 -12.94 27.17
C ASP A 361 -15.25 -12.12 27.02
N ARG A 362 -14.13 -12.81 26.74
CA ARG A 362 -12.86 -12.13 26.64
C ARG A 362 -12.84 -11.14 25.49
N ASP A 363 -13.24 -11.57 24.30
CA ASP A 363 -13.23 -10.68 23.14
C ASP A 363 -14.21 -9.53 23.33
N GLU A 364 -15.38 -9.80 23.89
CA GLU A 364 -16.34 -8.74 24.15
C GLU A 364 -15.79 -7.72 25.13
N ASN A 365 -15.11 -8.18 26.18
CA ASN A 365 -14.55 -7.26 27.16
C ASN A 365 -13.42 -6.44 26.58
N ALA A 366 -12.62 -7.05 25.72
CA ALA A 366 -11.49 -6.32 25.14
C ALA A 366 -11.96 -5.18 24.24
N ALA A 367 -13.00 -5.42 23.43
CA ALA A 367 -13.47 -4.39 22.52
C ALA A 367 -14.05 -3.20 23.26
N LEU A 368 -14.79 -3.45 24.33
CA LEU A 368 -15.35 -2.35 25.09
C LEU A 368 -14.26 -1.49 25.70
N ASN A 369 -13.20 -2.12 26.23
CA ASN A 369 -12.11 -1.37 26.83
C ASN A 369 -11.35 -0.56 25.78
N ILE A 370 -11.10 -1.15 24.61
CA ILE A 370 -10.39 -0.42 23.56
C ILE A 370 -11.19 0.80 23.14
N ARG A 371 -12.51 0.66 23.08
CA ARG A 371 -13.38 1.81 22.82
C ARG A 371 -13.22 2.86 23.91
N ARG A 372 -13.18 2.45 25.17
CA ARG A 372 -13.07 3.41 26.27
C ARG A 372 -11.76 4.18 26.18
N GLU A 373 -10.66 3.48 25.90
CA GLU A 373 -9.36 4.15 25.83
C GLU A 373 -9.26 5.03 24.60
N ALA A 374 -9.91 4.65 23.50
CA ALA A 374 -9.87 5.46 22.29
C ALA A 374 -10.49 6.83 22.52
N LEU A 375 -11.59 6.89 23.27
CA LEU A 375 -12.20 8.17 23.59
C LEU A 375 -11.32 9.01 24.50
N VAL A 376 -10.61 8.36 25.43
CA VAL A 376 -9.75 9.10 26.35
C VAL A 376 -8.61 9.77 25.58
N ALA A 377 -7.98 9.04 24.65
CA ALA A 377 -6.86 9.60 23.91
C ALA A 377 -7.30 10.79 23.07
N ALA A 378 -8.45 10.68 22.40
CA ALA A 378 -8.99 11.83 21.67
C ALA A 378 -9.42 12.93 22.63
N GLY A 379 -9.75 12.56 23.87
CA GLY A 379 -10.09 13.54 24.88
C GLY A 379 -11.56 13.82 25.05
N ILE A 380 -12.43 13.03 24.44
CA ILE A 380 -13.86 13.27 24.53
C ILE A 380 -14.53 12.23 25.40
#